data_6HZU
#
_entry.id   6HZU
#
_cell.length_a   42.794
_cell.length_b   173.763
_cell.length_c   44.864
_cell.angle_alpha   90.00
_cell.angle_beta   94.24
_cell.angle_gamma   90.00
#
_symmetry.space_group_name_H-M   'P 1 21 1'
#
loop_
_entity.id
_entity.type
_entity.pdbx_description
1 polymer 'Tyrosine-protein kinase JAK1'
2 non-polymer 2-[4-[8-oxidanylidene-2-[(~{E})-(2-oxidanylidenepyridin-3-ylidene)amino]-7~{H}-purin-9-yl]cyclohexyl]ethanenitrile
3 water water
#
_entity_poly.entity_id   1
_entity_poly.type   'polypeptide(L)'
_entity_poly.pdbx_seq_one_letter_code
;GDIVSEKKPATEVDPTHFEKRFLKRIRDLGEGHFGKVELCRYDPEGDNTGEQVAVKSLKPESGGNHIADLKKEIEILRNL
YHENIVKYKGICTEDGGNGIKLIMEFLPSGSLKEYLPKNKNKINLKQQLKYAVQICKGMDYLGSRQYVHRDLAARNVLVE
SEHQVKIGDFGLTKAIETDKE(PTR)(PTR)TVKDDRDSPVFWYAPECLMQSKFYIASDVWSFGVTLHELLTYCDSDSSP
MALFLKMIGPTHGQMTVTRLVNTLKEGKRLPCPPNCPDEVYQLMRKCWEFQPSNRTSFQNLIEGFEALLK
;
_entity_poly.pdbx_strand_id   A,B
#
loop_
_chem_comp.id
_chem_comp.type
_chem_comp.name
_chem_comp.formula
GYQ non-polymer 2-[4-[8-oxidanylidene-2-[(~{E})-(2-oxidanylidenepyridin-3-ylidene)amino]-7~{H}-purin-9-yl]cyclohexyl]ethanenitrile 'C18 H17 N7 O2'
#
# COMPACT_ATOMS: atom_id res chain seq x y z
N GLY A 1 48.05 17.31 52.45
CA GLY A 1 47.09 17.24 53.59
C GLY A 1 45.94 16.28 53.36
N ASP A 2 44.77 16.59 53.94
CA ASP A 2 43.54 15.79 53.79
C ASP A 2 43.12 15.63 52.33
N ILE A 3 42.29 14.60 52.08
CA ILE A 3 41.70 14.37 50.77
C ILE A 3 40.85 15.58 50.38
N VAL A 4 41.14 16.14 49.21
CA VAL A 4 40.36 17.25 48.67
C VAL A 4 39.13 16.68 47.94
N SER A 5 37.99 17.34 48.15
CA SER A 5 36.71 16.88 47.62
C SER A 5 35.79 18.07 47.33
N GLU A 6 34.84 17.88 46.43
CA GLU A 6 33.94 18.96 46.02
C GLU A 6 32.80 19.14 47.03
N LYS A 7 32.68 20.35 47.58
CA LYS A 7 31.50 20.76 48.34
C LYS A 7 30.44 21.29 47.38
N LYS A 8 29.59 20.38 46.88
CA LYS A 8 28.56 20.75 45.88
C LYS A 8 27.39 21.50 46.54
N PRO A 9 26.75 22.42 45.78
CA PRO A 9 25.68 23.25 46.35
C PRO A 9 24.36 22.50 46.58
N ALA A 10 23.35 23.23 47.07
CA ALA A 10 22.02 22.67 47.34
C ALA A 10 21.32 22.28 46.04
N THR A 11 20.87 21.04 45.97
CA THR A 11 20.28 20.45 44.76
C THR A 11 18.76 20.60 44.76
N GLU A 12 18.28 21.72 44.24
CA GLU A 12 16.83 22.00 44.14
C GLU A 12 16.13 20.97 43.24
N VAL A 13 15.25 20.16 43.82
CA VAL A 13 14.59 19.06 43.11
C VAL A 13 13.65 19.57 42.01
N ASP A 14 13.64 18.86 40.88
CA ASP A 14 12.82 19.19 39.71
C ASP A 14 11.60 18.24 39.72
N PRO A 15 10.37 18.80 39.84
CA PRO A 15 9.16 17.95 39.85
C PRO A 15 8.80 17.31 38.50
N THR A 16 9.46 17.73 37.42
CA THR A 16 9.32 17.12 36.12
C THR A 16 10.38 16.08 35.81
N HIS A 17 11.26 15.77 36.77
CA HIS A 17 12.21 14.66 36.65
C HIS A 17 11.73 13.47 37.48
N PHE A 18 11.36 12.41 36.80
CA PHE A 18 10.85 11.19 37.43
C PHE A 18 11.99 10.18 37.41
N GLU A 19 12.36 9.70 38.60
CA GLU A 19 13.46 8.74 38.74
C GLU A 19 13.00 7.35 38.32
N LYS A 20 13.81 6.68 37.50
CA LYS A 20 13.48 5.34 37.00
C LYS A 20 13.14 4.35 38.14
N ARG A 21 13.94 4.36 39.19
CA ARG A 21 13.78 3.39 40.28
C ARG A 21 12.43 3.46 41.02
N PHE A 22 11.72 4.59 40.91
CA PHE A 22 10.40 4.74 41.54
C PHE A 22 9.22 4.64 40.57
N LEU A 23 9.48 4.58 39.25
CA LEU A 23 8.41 4.49 38.25
C LEU A 23 8.07 3.02 38.06
N LYS A 24 6.90 2.61 38.56
CA LYS A 24 6.55 1.20 38.64
C LYS A 24 5.37 0.89 37.73
N ARG A 25 5.58 -0.06 36.83
CA ARG A 25 4.57 -0.48 35.87
C ARG A 25 3.35 -1.12 36.55
N ILE A 26 2.16 -0.70 36.15
CA ILE A 26 0.90 -1.38 36.50
C ILE A 26 0.38 -2.19 35.30
N ARG A 27 0.07 -1.49 34.20
CA ARG A 27 -0.43 -2.17 32.99
C ARG A 27 -0.28 -1.35 31.71
N ASP A 28 -0.50 -2.02 30.58
CA ASP A 28 -0.49 -1.40 29.26
C ASP A 28 -1.83 -0.73 28.99
N LEU A 29 -1.78 0.52 28.50
CA LEU A 29 -2.96 1.28 28.07
C LEU A 29 -3.19 1.20 26.55
N GLY A 30 -2.10 0.96 25.81
CA GLY A 30 -2.16 0.76 24.38
C GLY A 30 -0.87 1.21 23.71
N GLU A 31 -0.86 1.13 22.38
CA GLU A 31 0.30 1.49 21.58
C GLU A 31 -0.08 1.99 20.20
N GLY A 32 0.78 2.85 19.64
CA GLY A 32 0.59 3.39 18.30
C GLY A 32 1.93 3.64 17.63
N HIS A 33 2.11 3.04 16.45
CA HIS A 33 3.30 3.24 15.61
C HIS A 33 4.59 2.69 16.26
N PHE A 34 5.40 3.57 16.88
CA PHE A 34 6.68 3.19 17.51
C PHE A 34 6.70 3.42 19.02
N GLY A 35 5.58 3.90 19.58
CA GLY A 35 5.44 4.14 21.01
C GLY A 35 4.46 3.18 21.63
N LYS A 36 4.54 3.08 22.96
CA LYS A 36 3.52 2.43 23.78
C LYS A 36 3.32 3.29 25.00
N VAL A 37 2.13 3.21 25.59
CA VAL A 37 1.81 3.94 26.81
C VAL A 37 1.46 2.94 27.91
N GLU A 38 1.92 3.23 29.13
CA GLU A 38 1.71 2.35 30.27
C GLU A 38 1.12 3.13 31.42
N LEU A 39 0.22 2.48 32.16
CA LEU A 39 -0.18 3.00 33.45
C LEU A 39 0.95 2.63 34.42
N CYS A 40 1.50 3.65 35.08
CA CYS A 40 2.45 3.46 36.15
C CYS A 40 2.04 4.26 37.37
N ARG A 41 2.64 3.88 38.50
CA ARG A 41 2.56 4.64 39.72
C ARG A 41 3.97 5.11 40.01
N TYR A 42 4.15 6.41 40.21
CA TYR A 42 5.40 6.95 40.64
C TYR A 42 5.35 6.93 42.15
N ASP A 43 6.12 6.02 42.77
CA ASP A 43 5.94 5.68 44.17
C ASP A 43 7.25 5.79 44.97
N PRO A 44 7.77 7.01 45.16
CA PRO A 44 9.00 7.22 45.92
C PRO A 44 8.97 6.72 47.38
N GLU A 45 7.80 6.76 48.02
CA GLU A 45 7.68 6.29 49.41
C GLU A 45 7.53 4.77 49.52
N GLY A 46 7.28 4.10 48.41
CA GLY A 46 7.28 2.62 48.36
C GLY A 46 6.11 1.93 49.03
N ASP A 47 4.99 2.63 49.20
CA ASP A 47 3.82 2.11 49.93
C ASP A 47 2.52 2.10 49.12
N ASN A 48 2.63 2.08 47.79
CA ASN A 48 1.48 2.12 46.88
C ASN A 48 0.55 3.34 47.05
N THR A 49 1.08 4.48 47.48
CA THR A 49 0.27 5.72 47.59
C THR A 49 0.66 6.80 46.57
N GLY A 50 1.69 6.56 45.77
CA GLY A 50 2.17 7.51 44.78
C GLY A 50 1.14 7.87 43.73
N GLU A 51 1.39 8.95 42.99
N GLU A 51 1.40 8.94 42.99
CA GLU A 51 0.48 9.37 41.95
CA GLU A 51 0.51 9.38 41.93
C GLU A 51 0.56 8.40 40.77
C GLU A 51 0.57 8.38 40.77
N GLN A 52 -0.59 8.06 40.22
CA GLN A 52 -0.70 7.28 38.99
C GLN A 52 -0.43 8.21 37.82
N VAL A 53 0.43 7.78 36.89
CA VAL A 53 0.78 8.54 35.70
C VAL A 53 0.77 7.65 34.47
N ALA A 54 0.52 8.25 33.31
CA ALA A 54 0.66 7.57 32.03
C ALA A 54 2.10 7.80 31.56
N VAL A 55 2.76 6.73 31.11
CA VAL A 55 4.16 6.81 30.69
C VAL A 55 4.30 6.37 29.23
N LYS A 56 4.76 7.26 28.34
CA LYS A 56 5.02 6.89 26.95
C LYS A 56 6.50 6.56 26.73
N SER A 57 6.76 5.49 26.01
CA SER A 57 8.13 5.07 25.71
C SER A 57 8.19 4.35 24.37
N LEU A 58 9.41 4.16 23.87
CA LEU A 58 9.62 3.49 22.58
C LEU A 58 9.50 1.99 22.73
N LYS A 59 8.88 1.33 21.74
CA LYS A 59 8.95 -0.12 21.60
C LYS A 59 10.37 -0.55 21.19
N PRO A 60 10.75 -1.81 21.50
CA PRO A 60 12.02 -2.34 20.98
C PRO A 60 11.93 -2.71 19.49
N ASN A 65 16.98 5.23 16.94
CA ASN A 65 16.55 5.96 15.75
C ASN A 65 15.27 6.76 15.96
N HIS A 66 14.27 6.13 16.58
CA HIS A 66 12.99 6.77 16.95
C HIS A 66 13.08 7.60 18.24
N ILE A 67 14.21 7.53 18.95
CA ILE A 67 14.48 8.36 20.13
C ILE A 67 14.30 9.84 19.80
N ALA A 68 14.89 10.29 18.69
CA ALA A 68 14.78 11.68 18.22
C ALA A 68 13.34 12.16 18.12
N ASP A 69 12.48 11.34 17.52
CA ASP A 69 11.06 11.67 17.35
C ASP A 69 10.30 11.78 18.67
N LEU A 70 10.57 10.87 19.61
CA LEU A 70 9.98 10.93 20.95
C LEU A 70 10.38 12.23 21.69
N LYS A 71 11.67 12.58 21.61
CA LYS A 71 12.19 13.85 22.16
C LYS A 71 11.53 15.10 21.59
N LYS A 72 11.29 15.10 20.28
CA LYS A 72 10.57 16.19 19.62
C LYS A 72 9.10 16.22 20.07
N GLU A 73 8.47 15.05 20.17
CA GLU A 73 7.12 14.91 20.71
C GLU A 73 7.00 15.46 22.14
N ILE A 74 7.98 15.15 22.98
CA ILE A 74 8.02 15.61 24.37
C ILE A 74 8.14 17.12 24.44
N GLU A 75 9.02 17.69 23.62
CA GLU A 75 9.16 19.15 23.54
C GLU A 75 7.88 19.85 23.03
N ILE A 76 7.13 19.21 22.14
CA ILE A 76 5.82 19.75 21.69
C ILE A 76 4.81 19.76 22.84
N LEU A 77 4.63 18.63 23.52
CA LEU A 77 3.63 18.51 24.60
C LEU A 77 3.92 19.39 25.81
N ARG A 78 5.21 19.48 26.17
CA ARG A 78 5.69 20.32 27.26
C ARG A 78 5.21 21.77 27.16
N ASN A 79 5.13 22.29 25.92
CA ASN A 79 4.75 23.68 25.67
C ASN A 79 3.34 23.89 25.17
N LEU A 80 2.50 22.85 25.17
CA LEU A 80 1.07 22.98 24.91
C LEU A 80 0.35 23.12 26.26
N TYR A 81 -0.48 24.16 26.41
CA TYR A 81 -1.28 24.37 27.64
C TYR A 81 -2.73 24.67 27.25
N HIS A 82 -3.61 23.67 27.42
CA HIS A 82 -5.03 23.82 27.04
C HIS A 82 -5.86 22.74 27.76
N GLU A 83 -7.07 23.10 28.17
CA GLU A 83 -7.92 22.16 28.94
C GLU A 83 -8.37 20.92 28.17
N ASN A 84 -8.36 20.99 26.84
CA ASN A 84 -8.63 19.85 25.96
C ASN A 84 -7.36 19.24 25.31
N ILE A 85 -6.21 19.44 25.96
CA ILE A 85 -4.97 18.75 25.59
C ILE A 85 -4.40 18.14 26.86
N VAL A 86 -4.01 16.86 26.79
CA VAL A 86 -3.50 16.09 27.96
C VAL A 86 -2.23 16.76 28.55
N LYS A 87 -2.13 16.76 29.87
N LYS A 87 -2.13 16.76 29.87
CA LYS A 87 -1.06 17.47 30.57
CA LYS A 87 -1.06 17.47 30.57
C LYS A 87 0.22 16.67 30.58
C LYS A 87 0.22 16.67 30.58
N TYR A 88 1.30 17.32 30.16
CA TYR A 88 2.66 16.90 30.41
C TYR A 88 2.92 17.03 31.92
N LYS A 89 3.52 16.01 32.51
CA LYS A 89 4.01 16.04 33.89
C LYS A 89 5.54 16.06 33.99
N GLY A 90 6.23 15.44 33.03
CA GLY A 90 7.69 15.34 33.07
C GLY A 90 8.32 14.29 32.18
N ILE A 91 9.58 13.99 32.48
CA ILE A 91 10.35 12.93 31.79
C ILE A 91 11.07 12.02 32.79
N CYS A 92 11.38 10.81 32.33
CA CYS A 92 12.31 9.89 33.00
C CYS A 92 13.45 9.56 32.05
N THR A 93 14.66 10.03 32.36
CA THR A 93 15.83 9.84 31.47
C THR A 93 16.77 8.78 32.02
N ASN A 98 20.88 8.62 26.96
CA ASN A 98 20.36 8.52 25.60
C ASN A 98 18.83 8.38 25.58
N GLY A 99 18.34 7.38 26.31
CA GLY A 99 16.91 7.04 26.36
C GLY A 99 16.07 8.03 27.15
N ILE A 100 14.75 7.97 26.93
CA ILE A 100 13.81 8.90 27.54
C ILE A 100 12.36 8.36 27.52
N LYS A 101 11.62 8.64 28.60
CA LYS A 101 10.19 8.32 28.69
C LYS A 101 9.44 9.60 29.00
N LEU A 102 8.26 9.74 28.40
CA LEU A 102 7.36 10.89 28.59
C LEU A 102 6.33 10.54 29.64
N ILE A 103 6.21 11.37 30.68
CA ILE A 103 5.27 11.17 31.76
C ILE A 103 4.11 12.17 31.62
N MET A 104 2.88 11.66 31.57
CA MET A 104 1.67 12.48 31.44
C MET A 104 0.69 12.19 32.55
N GLU A 105 -0.29 13.06 32.74
CA GLU A 105 -1.43 12.74 33.58
C GLU A 105 -2.14 11.49 33.07
N PHE A 106 -2.75 10.77 34.00
CA PHE A 106 -3.47 9.53 33.71
C PHE A 106 -4.95 9.82 33.76
N LEU A 107 -5.68 9.49 32.68
CA LEU A 107 -7.15 9.65 32.64
C LEU A 107 -7.84 8.26 32.72
N PRO A 108 -8.31 7.86 33.92
CA PRO A 108 -8.80 6.47 34.12
C PRO A 108 -9.99 6.01 33.26
N SER A 109 -10.79 6.94 32.74
CA SER A 109 -11.88 6.60 31.81
C SER A 109 -11.41 6.15 30.41
N GLY A 110 -10.12 6.27 30.11
CA GLY A 110 -9.57 5.74 28.86
C GLY A 110 -9.84 6.61 27.65
N SER A 111 -9.70 6.03 26.46
CA SER A 111 -10.00 6.71 25.22
C SER A 111 -11.50 6.64 24.90
N LEU A 112 -11.94 7.47 23.96
CA LEU A 112 -13.29 7.37 23.40
C LEU A 112 -13.59 5.97 22.86
N LYS A 113 -12.58 5.30 22.29
CA LYS A 113 -12.70 3.92 21.81
C LYS A 113 -13.22 2.94 22.86
N GLU A 114 -12.77 3.08 24.11
CA GLU A 114 -13.25 2.25 25.23
C GLU A 114 -14.46 2.85 25.92
N TYR A 115 -14.45 4.17 26.06
CA TYR A 115 -15.46 4.84 26.87
C TYR A 115 -16.83 4.79 26.19
N LEU A 116 -16.88 5.07 24.90
CA LEU A 116 -18.14 5.28 24.21
C LEU A 116 -18.98 4.00 24.09
N PRO A 117 -18.37 2.85 23.75
CA PRO A 117 -19.15 1.60 23.76
C PRO A 117 -19.78 1.24 25.09
N LYS A 118 -19.12 1.59 26.19
CA LYS A 118 -19.53 1.26 27.56
C LYS A 118 -20.53 2.25 28.17
N ASN A 119 -20.73 3.39 27.53
CA ASN A 119 -21.46 4.52 28.10
C ASN A 119 -22.54 5.14 27.19
N LYS A 120 -23.01 4.37 26.20
CA LYS A 120 -24.13 4.81 25.34
C LYS A 120 -25.34 5.37 26.11
N ASN A 121 -25.69 4.75 27.23
CA ASN A 121 -26.84 5.19 28.03
C ASN A 121 -26.72 6.60 28.62
N LYS A 122 -25.52 7.00 29.04
CA LYS A 122 -25.31 8.31 29.66
C LYS A 122 -24.84 9.41 28.71
N ILE A 123 -24.32 9.05 27.54
CA ILE A 123 -23.79 10.03 26.57
C ILE A 123 -24.77 10.19 25.41
N ASN A 124 -25.61 11.22 25.48
CA ASN A 124 -26.59 11.55 24.44
C ASN A 124 -26.01 12.49 23.37
N LEU A 125 -26.82 12.86 22.37
CA LEU A 125 -26.34 13.70 21.25
C LEU A 125 -25.74 15.02 21.78
N LYS A 126 -26.47 15.68 22.68
CA LYS A 126 -26.01 16.91 23.31
C LYS A 126 -24.56 16.81 23.82
N GLN A 127 -24.25 15.70 24.51
CA GLN A 127 -22.92 15.48 25.06
C GLN A 127 -21.88 15.16 23.99
N GLN A 128 -22.29 14.44 22.95
CA GLN A 128 -21.44 14.21 21.80
C GLN A 128 -21.04 15.53 21.12
N LEU A 129 -21.98 16.47 20.99
CA LEU A 129 -21.69 17.74 20.33
C LEU A 129 -20.76 18.60 21.18
N LYS A 130 -20.85 18.45 22.51
CA LYS A 130 -19.96 19.15 23.43
C LYS A 130 -18.56 18.59 23.37
N TYR A 131 -18.45 17.25 23.33
CA TYR A 131 -17.15 16.61 23.05
C TYR A 131 -16.57 17.15 21.74
N ALA A 132 -17.39 17.21 20.69
CA ALA A 132 -16.91 17.66 19.37
C ALA A 132 -16.33 19.09 19.43
N VAL A 133 -17.05 20.02 20.07
CA VAL A 133 -16.57 21.39 20.31
C VAL A 133 -15.21 21.41 21.04
N GLN A 134 -15.11 20.65 22.13
CA GLN A 134 -13.87 20.50 22.88
C GLN A 134 -12.70 19.97 22.04
N ILE A 135 -12.97 18.99 21.19
CA ILE A 135 -11.94 18.47 20.26
C ILE A 135 -11.53 19.58 19.30
N CYS A 136 -12.51 20.30 18.77
CA CYS A 136 -12.22 21.42 17.88
C CYS A 136 -11.37 22.50 18.58
N LYS A 137 -11.66 22.81 19.85
CA LYS A 137 -10.94 23.87 20.55
C LYS A 137 -9.47 23.49 20.82
N GLY A 138 -9.23 22.20 21.06
CA GLY A 138 -7.88 21.71 21.28
C GLY A 138 -7.08 21.72 19.98
N MET A 139 -7.73 21.27 18.91
CA MET A 139 -7.15 21.30 17.57
C MET A 139 -6.94 22.71 17.04
N ASP A 140 -7.87 23.62 17.34
CA ASP A 140 -7.70 25.01 16.95
C ASP A 140 -6.48 25.64 17.68
N TYR A 141 -6.28 25.28 18.94
CA TYR A 141 -5.10 25.73 19.70
C TYR A 141 -3.79 25.20 19.09
N LEU A 142 -3.76 23.88 18.84
CA LEU A 142 -2.66 23.23 18.08
C LEU A 142 -2.35 23.97 16.75
N GLY A 143 -3.39 24.31 15.99
CA GLY A 143 -3.26 25.14 14.79
C GLY A 143 -2.73 26.56 15.05
N SER A 144 -3.15 27.18 16.15
CA SER A 144 -2.64 28.49 16.56
C SER A 144 -1.15 28.48 16.94
N ARG A 145 -0.64 27.34 17.41
CA ARG A 145 0.80 27.17 17.67
C ARG A 145 1.56 26.65 16.44
N GLN A 146 0.87 26.56 15.31
CA GLN A 146 1.42 26.19 14.00
C GLN A 146 1.86 24.73 13.91
N TYR A 147 1.07 23.84 14.50
CA TYR A 147 1.26 22.40 14.36
C TYR A 147 0.14 21.76 13.55
N VAL A 148 0.47 20.65 12.89
CA VAL A 148 -0.51 19.73 12.31
C VAL A 148 -0.39 18.38 13.03
N HIS A 149 -1.51 17.88 13.51
CA HIS A 149 -1.58 16.67 14.30
C HIS A 149 -1.28 15.41 13.49
N ARG A 150 -1.89 15.32 12.29
CA ARG A 150 -1.72 14.18 11.37
C ARG A 150 -2.24 12.80 11.86
N ASP A 151 -2.92 12.74 13.00
CA ASP A 151 -3.38 11.46 13.54
C ASP A 151 -4.65 11.61 14.37
N LEU A 152 -5.53 12.54 13.99
CA LEU A 152 -6.73 12.77 14.79
C LEU A 152 -7.70 11.62 14.54
N ALA A 153 -7.88 10.80 15.58
CA ALA A 153 -8.80 9.69 15.59
C ALA A 153 -9.34 9.58 17.01
N ALA A 154 -10.48 8.89 17.16
CA ALA A 154 -11.14 8.69 18.46
C ALA A 154 -10.24 7.96 19.47
N ARG A 155 -9.41 7.04 18.96
CA ARG A 155 -8.42 6.35 19.79
C ARG A 155 -7.42 7.31 20.46
N ASN A 156 -7.16 8.48 19.85
CA ASN A 156 -6.25 9.48 20.44
C ASN A 156 -6.92 10.54 21.29
N VAL A 157 -8.21 10.35 21.58
CA VAL A 157 -8.97 11.25 22.39
C VAL A 157 -9.33 10.58 23.70
N LEU A 158 -8.94 11.22 24.80
CA LEU A 158 -9.04 10.63 26.12
C LEU A 158 -10.19 11.29 26.83
N VAL A 159 -10.78 10.56 27.77
CA VAL A 159 -11.92 11.04 28.51
C VAL A 159 -11.50 11.43 29.91
N GLU A 160 -11.57 12.74 30.18
CA GLU A 160 -11.29 13.31 31.51
C GLU A 160 -12.48 13.03 32.43
N SER A 161 -13.67 13.24 31.90
CA SER A 161 -14.91 12.98 32.60
C SER A 161 -16.04 12.85 31.59
N GLU A 162 -17.24 12.57 32.10
CA GLU A 162 -18.46 12.60 31.32
C GLU A 162 -18.66 13.91 30.53
N HIS A 163 -18.12 15.02 31.05
CA HIS A 163 -18.25 16.34 30.45
C HIS A 163 -16.98 16.90 29.79
N GLN A 164 -15.88 16.14 29.77
CA GLN A 164 -14.60 16.64 29.22
C GLN A 164 -13.73 15.57 28.55
N VAL A 165 -13.29 15.88 27.33
CA VAL A 165 -12.30 15.09 26.58
C VAL A 165 -11.03 15.90 26.34
N LYS A 166 -9.95 15.19 26.05
CA LYS A 166 -8.65 15.78 25.72
C LYS A 166 -7.96 14.99 24.61
N ILE A 167 -7.29 15.70 23.73
CA ILE A 167 -6.43 15.11 22.71
C ILE A 167 -5.28 14.58 23.52
N GLY A 168 -5.02 13.28 23.45
CA GLY A 168 -4.08 12.58 24.35
C GLY A 168 -2.83 11.97 23.75
N ASP A 169 -2.54 12.26 22.49
CA ASP A 169 -1.30 11.78 21.84
C ASP A 169 -0.94 12.70 20.69
N PHE A 170 0.37 12.90 20.52
CA PHE A 170 0.92 13.83 19.54
C PHE A 170 2.10 13.21 18.80
N GLY A 171 2.04 11.90 18.57
CA GLY A 171 3.15 11.14 18.01
C GLY A 171 3.54 11.41 16.55
N LEU A 172 2.61 11.90 15.76
CA LEU A 172 2.86 12.31 14.37
C LEU A 172 2.83 13.82 14.20
N THR A 173 2.73 14.56 15.30
CA THR A 173 2.57 16.01 15.21
C THR A 173 3.82 16.70 14.65
N LYS A 174 3.60 17.60 13.69
CA LYS A 174 4.66 18.31 12.99
C LYS A 174 4.37 19.80 12.95
N ALA A 175 5.43 20.58 12.87
CA ALA A 175 5.34 22.04 12.78
C ALA A 175 5.25 22.47 11.31
N ILE A 176 4.32 23.37 11.01
CA ILE A 176 4.28 24.03 9.70
C ILE A 176 5.18 25.26 9.79
N GLU A 177 6.17 25.34 8.91
CA GLU A 177 7.11 26.48 8.93
C GLU A 177 6.40 27.81 8.59
N THR A 178 6.87 28.90 9.21
CA THR A 178 6.27 30.24 9.07
C THR A 178 6.22 30.69 7.61
N ASP A 179 5.06 31.26 7.22
CA ASP A 179 4.71 31.66 5.84
C ASP A 179 4.36 30.50 4.88
N LYS A 180 4.31 29.26 5.40
CA LYS A 180 3.89 28.08 4.61
C LYS A 180 2.56 27.52 5.11
N GLU A 181 1.84 26.84 4.22
CA GLU A 181 0.53 26.27 4.53
C GLU A 181 0.60 24.79 4.92
N PTR A 182 1.69 24.10 4.54
CA PTR A 182 1.75 22.65 4.73
C PTR A 182 3.11 22.11 5.10
O PTR A 182 4.13 22.79 4.95
CB PTR A 182 1.17 21.92 3.50
CG PTR A 182 1.98 21.98 2.21
CD1 PTR A 182 1.60 22.82 1.17
CD2 PTR A 182 3.10 21.16 2.01
CE1 PTR A 182 2.32 22.86 -0.02
CE2 PTR A 182 3.82 21.19 0.83
CZ PTR A 182 3.43 22.05 -0.18
OH PTR A 182 4.08 22.06 -1.25
P PTR A 182 4.85 23.35 -1.84
O1P PTR A 182 5.74 23.97 -0.74
O2P PTR A 182 5.71 22.91 -2.96
O3P PTR A 182 3.83 24.37 -2.36
N PTR A 183 3.10 20.87 5.59
CA PTR A 183 4.29 20.08 5.85
C PTR A 183 4.27 18.84 4.95
O PTR A 183 3.24 18.18 4.83
CB PTR A 183 4.29 19.62 7.32
CG PTR A 183 5.36 18.62 7.65
CD1 PTR A 183 5.03 17.26 7.81
CD2 PTR A 183 6.68 19.00 7.78
CE1 PTR A 183 6.02 16.32 8.09
CE2 PTR A 183 7.67 18.07 8.08
CZ PTR A 183 7.34 16.72 8.24
OH PTR A 183 8.15 15.81 8.50
P PTR A 183 9.69 15.94 8.99
O1P PTR A 183 10.26 14.53 9.21
O2P PTR A 183 10.52 16.67 7.92
O3P PTR A 183 9.75 16.70 10.27
N THR A 184 5.42 18.53 4.35
CA THR A 184 5.59 17.34 3.52
C THR A 184 6.16 16.17 4.35
N VAL A 185 5.47 15.03 4.35
CA VAL A 185 5.95 13.82 5.04
C VAL A 185 6.75 12.91 4.12
N LYS A 186 7.71 12.19 4.70
CA LYS A 186 8.53 11.20 3.99
C LYS A 186 8.20 9.78 4.49
N ASP A 187 8.24 9.59 5.80
CA ASP A 187 7.84 8.32 6.43
C ASP A 187 6.31 8.28 6.55
N ASP A 188 5.69 7.42 5.74
CA ASP A 188 4.22 7.33 5.61
C ASP A 188 3.64 5.88 5.66
N ARG A 189 4.48 4.88 5.96
CA ARG A 189 4.06 3.47 5.84
C ARG A 189 2.98 3.06 6.86
N ASP A 190 3.06 3.60 8.07
CA ASP A 190 2.05 3.35 9.11
C ASP A 190 0.95 4.42 9.15
N SER A 191 0.58 4.97 7.99
CA SER A 191 -0.42 6.05 7.91
C SER A 191 -1.85 5.56 8.17
N PRO A 192 -2.67 6.34 8.93
CA PRO A 192 -4.09 6.00 9.06
C PRO A 192 -4.86 6.50 7.85
N VAL A 193 -4.70 5.81 6.72
CA VAL A 193 -5.24 6.24 5.43
C VAL A 193 -6.76 6.49 5.42
N PHE A 194 -7.51 5.73 6.21
CA PHE A 194 -8.95 5.92 6.30
C PHE A 194 -9.38 7.18 7.08
N TRP A 195 -8.43 7.85 7.75
CA TRP A 195 -8.64 9.16 8.39
C TRP A 195 -8.05 10.32 7.58
N TYR A 196 -7.51 10.04 6.39
CA TYR A 196 -6.65 10.98 5.65
C TYR A 196 -7.31 11.66 4.45
N ALA A 197 -7.09 12.98 4.37
CA ALA A 197 -7.51 13.81 3.22
C ALA A 197 -6.80 13.41 1.92
N PRO A 198 -7.43 13.68 0.75
CA PRO A 198 -6.82 13.39 -0.55
C PRO A 198 -5.42 13.96 -0.77
N GLU A 199 -5.16 15.19 -0.34
CA GLU A 199 -3.82 15.79 -0.46
C GLU A 199 -2.74 15.04 0.35
N CYS A 200 -3.14 14.40 1.45
CA CYS A 200 -2.25 13.54 2.25
C CYS A 200 -2.01 12.20 1.59
N LEU A 201 -3.09 11.59 1.08
CA LEU A 201 -2.99 10.31 0.35
C LEU A 201 -2.24 10.44 -0.98
N MET A 202 -2.51 11.52 -1.71
CA MET A 202 -1.95 11.71 -3.04
C MET A 202 -0.53 12.29 -3.02
N GLN A 203 -0.41 13.52 -2.51
CA GLN A 203 0.85 14.28 -2.56
C GLN A 203 1.67 14.31 -1.24
N SER A 204 1.24 13.56 -0.22
CA SER A 204 1.93 13.52 1.10
C SER A 204 2.07 14.90 1.78
N LYS A 205 1.11 15.79 1.54
CA LYS A 205 1.11 17.15 2.10
C LYS A 205 0.07 17.25 3.22
N PHE A 206 0.43 17.95 4.31
CA PHE A 206 -0.43 18.11 5.49
C PHE A 206 -0.68 19.56 5.85
N TYR A 207 -1.93 19.98 5.67
CA TYR A 207 -2.42 21.33 5.98
C TYR A 207 -3.23 21.27 7.27
N ILE A 208 -3.51 22.43 7.86
CA ILE A 208 -4.49 22.50 8.97
C ILE A 208 -5.84 21.94 8.51
N ALA A 209 -6.26 22.26 7.29
CA ALA A 209 -7.50 21.72 6.72
C ALA A 209 -7.52 20.18 6.60
N SER A 210 -6.36 19.54 6.59
CA SER A 210 -6.23 18.08 6.60
C SER A 210 -6.58 17.49 7.98
N ASP A 211 -6.24 18.19 9.05
CA ASP A 211 -6.71 17.89 10.41
C ASP A 211 -8.23 18.10 10.55
N VAL A 212 -8.79 19.09 9.85
CA VAL A 212 -10.25 19.26 9.79
C VAL A 212 -10.92 18.05 9.14
N TRP A 213 -10.38 17.59 8.01
CA TRP A 213 -10.84 16.35 7.38
C TRP A 213 -10.83 15.17 8.36
N SER A 214 -9.67 14.90 8.99
CA SER A 214 -9.56 13.81 9.98
C SER A 214 -10.53 14.00 11.15
N PHE A 215 -10.73 15.27 11.57
CA PHE A 215 -11.72 15.57 12.60
C PHE A 215 -13.11 15.10 12.17
N GLY A 216 -13.46 15.38 10.92
CA GLY A 216 -14.70 14.91 10.36
C GLY A 216 -14.89 13.41 10.55
N VAL A 217 -13.83 12.63 10.32
CA VAL A 217 -13.88 11.19 10.49
C VAL A 217 -13.93 10.83 11.97
N THR A 218 -13.26 11.60 12.82
CA THR A 218 -13.36 11.44 14.28
C THR A 218 -14.78 11.72 14.82
N LEU A 219 -15.41 12.79 14.32
CA LEU A 219 -16.83 13.10 14.60
C LEU A 219 -17.76 11.95 14.21
N HIS A 220 -17.51 11.34 13.07
CA HIS A 220 -18.26 10.17 12.64
C HIS A 220 -18.11 9.02 13.65
N GLU A 221 -16.89 8.78 14.13
CA GLU A 221 -16.64 7.73 15.15
C GLU A 221 -17.39 8.02 16.46
N LEU A 222 -17.33 9.27 16.90
CA LEU A 222 -18.03 9.74 18.08
C LEU A 222 -19.53 9.45 17.99
N LEU A 223 -20.11 9.79 16.85
CA LEU A 223 -21.55 9.64 16.63
C LEU A 223 -21.99 8.16 16.53
N THR A 224 -21.09 7.25 16.19
CA THR A 224 -21.36 5.79 16.19
C THR A 224 -20.89 5.09 17.49
N TYR A 225 -20.44 5.89 18.45
CA TYR A 225 -19.91 5.42 19.74
C TYR A 225 -18.77 4.42 19.55
N CYS A 226 -17.88 4.69 18.59
CA CYS A 226 -16.72 3.84 18.27
C CYS A 226 -17.08 2.36 18.11
N ASP A 227 -18.20 2.09 17.45
CA ASP A 227 -18.60 0.73 17.14
C ASP A 227 -17.63 0.21 16.08
N SER A 228 -16.98 -0.93 16.34
CA SER A 228 -15.96 -1.46 15.42
C SER A 228 -16.55 -1.82 14.05
N ASP A 229 -17.70 -2.48 14.04
CA ASP A 229 -18.41 -2.79 12.79
C ASP A 229 -18.83 -1.55 11.96
N SER A 230 -18.86 -0.37 12.59
CA SER A 230 -19.10 0.92 11.91
C SER A 230 -17.83 1.80 11.80
N SER A 231 -16.65 1.23 11.99
CA SER A 231 -15.43 2.05 11.98
C SER A 231 -15.15 2.56 10.57
N PRO A 232 -14.51 3.75 10.45
CA PRO A 232 -14.10 4.28 9.14
C PRO A 232 -13.36 3.30 8.24
N MET A 233 -12.51 2.44 8.82
CA MET A 233 -11.83 1.39 8.06
C MET A 233 -12.83 0.36 7.55
N ALA A 234 -13.67 -0.15 8.45
CA ALA A 234 -14.73 -1.12 8.10
C ALA A 234 -15.69 -0.56 7.05
N LEU A 235 -16.11 0.69 7.21
CA LEU A 235 -17.03 1.33 6.26
C LEU A 235 -16.41 1.56 4.89
N PHE A 236 -15.19 2.11 4.85
CA PHE A 236 -14.51 2.34 3.58
C PHE A 236 -14.20 1.01 2.84
N LEU A 237 -13.79 -0.02 3.58
CA LEU A 237 -13.48 -1.33 2.99
C LEU A 237 -14.72 -2.04 2.41
N LYS A 238 -15.90 -1.74 2.95
CA LYS A 238 -17.16 -2.16 2.35
C LYS A 238 -17.39 -1.40 1.03
N MET A 239 -17.16 -0.07 1.04
CA MET A 239 -17.40 0.75 -0.16
C MET A 239 -16.51 0.36 -1.34
N ILE A 240 -15.20 0.34 -1.11
CA ILE A 240 -14.19 0.15 -2.18
C ILE A 240 -13.81 -1.30 -2.50
N GLY A 241 -14.00 -2.21 -1.54
CA GLY A 241 -13.58 -3.62 -1.63
C GLY A 241 -12.54 -3.94 -0.55
N PRO A 242 -12.65 -5.11 0.12
CA PRO A 242 -11.74 -5.46 1.22
C PRO A 242 -10.50 -6.32 0.88
N THR A 243 -10.34 -6.74 -0.37
CA THR A 243 -9.23 -7.63 -0.73
C THR A 243 -8.46 -7.09 -1.94
N HIS A 244 -8.07 -5.81 -1.85
CA HIS A 244 -7.25 -5.16 -2.88
C HIS A 244 -5.77 -5.00 -2.48
N GLY A 245 -5.46 -5.16 -1.19
CA GLY A 245 -4.07 -5.19 -0.72
C GLY A 245 -3.33 -3.87 -0.86
N GLN A 246 -2.23 -3.88 -1.62
CA GLN A 246 -1.46 -2.67 -1.92
C GLN A 246 -2.17 -1.66 -2.85
N MET A 247 -3.23 -2.09 -3.55
CA MET A 247 -4.05 -1.18 -4.36
C MET A 247 -5.14 -0.47 -3.55
N THR A 248 -5.29 -0.83 -2.28
CA THR A 248 -6.31 -0.26 -1.37
C THR A 248 -6.35 1.27 -1.41
N VAL A 249 -5.19 1.91 -1.23
CA VAL A 249 -5.11 3.39 -1.14
C VAL A 249 -5.51 4.10 -2.47
N THR A 250 -5.13 3.54 -3.62
CA THR A 250 -5.51 4.12 -4.91
C THR A 250 -7.02 4.09 -5.15
N ARG A 251 -7.65 2.99 -4.76
CA ARG A 251 -9.12 2.88 -4.85
C ARG A 251 -9.81 3.80 -3.84
N LEU A 252 -9.19 4.00 -2.67
CA LEU A 252 -9.68 4.99 -1.69
C LEU A 252 -9.64 6.41 -2.28
N VAL A 253 -8.53 6.77 -2.91
CA VAL A 253 -8.41 8.07 -3.62
C VAL A 253 -9.48 8.22 -4.70
N ASN A 254 -9.67 7.18 -5.52
CA ASN A 254 -10.67 7.20 -6.61
C ASN A 254 -12.10 7.36 -6.10
N THR A 255 -12.45 6.62 -5.05
CA THR A 255 -13.73 6.76 -4.34
C THR A 255 -13.97 8.21 -3.87
N LEU A 256 -12.96 8.82 -3.23
CA LEU A 256 -13.06 10.21 -2.77
C LEU A 256 -13.08 11.24 -3.92
N LYS A 257 -12.36 10.96 -5.01
CA LYS A 257 -12.42 11.79 -6.24
C LYS A 257 -13.83 11.79 -6.85
N GLU A 258 -14.51 10.64 -6.77
CA GLU A 258 -15.87 10.46 -7.28
C GLU A 258 -16.93 11.19 -6.44
N GLY A 259 -16.54 11.67 -5.26
CA GLY A 259 -17.43 12.41 -4.37
C GLY A 259 -18.07 11.56 -3.29
N LYS A 260 -17.71 10.28 -3.22
CA LYS A 260 -18.28 9.35 -2.22
C LYS A 260 -17.65 9.59 -0.86
N ARG A 261 -18.47 9.52 0.18
CA ARG A 261 -18.07 9.80 1.54
C ARG A 261 -18.74 8.81 2.48
N LEU A 262 -18.24 8.74 3.72
CA LEU A 262 -18.85 7.93 4.77
C LEU A 262 -20.30 8.38 4.96
N PRO A 263 -21.23 7.42 5.16
CA PRO A 263 -22.64 7.79 5.24
C PRO A 263 -22.98 8.43 6.60
N CYS A 264 -24.20 8.94 6.71
CA CYS A 264 -24.70 9.54 7.93
C CYS A 264 -24.83 8.48 9.02
N PRO A 265 -24.21 8.70 10.19
CA PRO A 265 -24.38 7.76 11.30
C PRO A 265 -25.84 7.59 11.70
N PRO A 266 -26.22 6.40 12.23
CA PRO A 266 -27.60 6.22 12.67
C PRO A 266 -27.98 7.20 13.78
N ASN A 267 -29.20 7.73 13.69
CA ASN A 267 -29.72 8.73 14.64
C ASN A 267 -29.01 10.07 14.62
N CYS A 268 -28.11 10.30 13.67
CA CYS A 268 -27.39 11.57 13.59
C CYS A 268 -28.27 12.47 12.75
N PRO A 269 -28.73 13.61 13.32
CA PRO A 269 -29.54 14.54 12.53
C PRO A 269 -28.79 15.09 11.33
N ASP A 270 -29.49 15.32 10.23
CA ASP A 270 -28.84 15.81 8.99
C ASP A 270 -28.01 17.08 9.23
N GLU A 271 -28.53 18.00 10.04
CA GLU A 271 -27.83 19.25 10.38
C GLU A 271 -26.42 19.01 10.98
N VAL A 272 -26.28 17.97 11.81
CA VAL A 272 -24.95 17.57 12.31
C VAL A 272 -24.15 16.96 11.16
N TYR A 273 -24.81 16.11 10.36
CA TYR A 273 -24.18 15.48 9.20
C TYR A 273 -23.66 16.47 8.16
N GLN A 274 -24.37 17.59 7.93
CA GLN A 274 -23.84 18.63 7.00
C GLN A 274 -22.56 19.32 7.51
N LEU A 275 -22.44 19.50 8.83
CA LEU A 275 -21.19 20.02 9.42
C LEU A 275 -20.02 19.06 9.19
N MET A 276 -20.29 17.77 9.36
CA MET A 276 -19.34 16.70 9.05
C MET A 276 -18.90 16.76 7.58
N ARG A 277 -19.85 16.87 6.64
CA ARG A 277 -19.52 16.92 5.20
C ARG A 277 -18.69 18.15 4.78
N LYS A 278 -18.83 19.26 5.49
CA LYS A 278 -18.03 20.45 5.24
C LYS A 278 -16.56 20.26 5.60
N CYS A 279 -16.26 19.28 6.48
CA CYS A 279 -14.90 18.81 6.71
C CYS A 279 -14.31 18.03 5.55
N TRP A 280 -15.16 17.53 4.66
CA TRP A 280 -14.77 16.61 3.61
C TRP A 280 -14.95 17.15 2.18
N GLU A 281 -14.91 18.47 2.02
CA GLU A 281 -14.67 19.06 0.70
C GLU A 281 -13.32 18.54 0.18
N PHE A 282 -13.28 18.18 -1.10
CA PHE A 282 -12.09 17.57 -1.71
C PHE A 282 -10.88 18.50 -1.67
N GLN A 283 -11.09 19.78 -2.04
CA GLN A 283 -10.05 20.80 -1.99
C GLN A 283 -9.99 21.39 -0.59
N PRO A 284 -8.79 21.45 0.03
CA PRO A 284 -8.60 21.97 1.40
C PRO A 284 -9.14 23.37 1.67
N SER A 285 -8.98 24.25 0.68
CA SER A 285 -9.44 25.65 0.78
C SER A 285 -10.96 25.80 0.93
N ASN A 286 -11.70 24.82 0.40
CA ASN A 286 -13.17 24.78 0.55
C ASN A 286 -13.66 24.20 1.88
N ARG A 287 -12.81 23.50 2.62
CA ARG A 287 -13.23 22.92 3.89
C ARG A 287 -13.58 23.98 4.93
N THR A 288 -14.43 23.60 5.87
CA THR A 288 -14.71 24.43 7.02
C THR A 288 -13.47 24.55 7.91
N SER A 289 -13.48 25.56 8.75
CA SER A 289 -12.43 25.78 9.75
C SER A 289 -12.90 25.26 11.11
N PHE A 290 -11.95 25.05 12.01
CA PHE A 290 -12.30 24.61 13.37
C PHE A 290 -13.17 25.60 14.14
N GLN A 291 -12.91 26.89 13.96
CA GLN A 291 -13.77 27.93 14.55
C GLN A 291 -15.20 27.92 13.96
N ASN A 292 -15.32 27.77 12.64
CA ASN A 292 -16.63 27.65 11.96
C ASN A 292 -17.39 26.42 12.49
N LEU A 293 -16.67 25.31 12.68
CA LEU A 293 -17.25 24.12 13.30
C LEU A 293 -17.80 24.42 14.70
N ILE A 294 -16.99 25.09 15.51
CA ILE A 294 -17.37 25.45 16.88
C ILE A 294 -18.67 26.26 16.85
N GLU A 295 -18.71 27.29 16.01
CA GLU A 295 -19.94 28.10 15.84
C GLU A 295 -21.13 27.22 15.44
N GLY A 296 -20.91 26.35 14.46
CA GLY A 296 -21.91 25.39 14.03
C GLY A 296 -22.50 24.55 15.15
N PHE A 297 -21.62 23.89 15.92
CA PHE A 297 -22.06 23.01 17.02
C PHE A 297 -22.74 23.79 18.15
N GLU A 298 -22.18 24.96 18.47
CA GLU A 298 -22.78 25.86 19.48
C GLU A 298 -24.22 26.26 19.13
N ALA A 299 -24.49 26.49 17.84
CA ALA A 299 -25.84 26.82 17.36
C ALA A 299 -26.81 25.65 17.62
N LEU A 300 -26.35 24.43 17.35
CA LEU A 300 -27.17 23.23 17.53
C LEU A 300 -27.37 22.89 19.01
N LEU A 301 -26.45 23.34 19.87
CA LEU A 301 -26.56 23.13 21.32
C LEU A 301 -27.50 24.11 22.04
N LYS A 302 -27.66 25.33 21.49
CA LYS A 302 -28.57 26.34 22.04
C LYS A 302 -30.01 25.83 22.09
N VAL B 13 -7.83 -43.18 -29.26
CA VAL B 13 -7.38 -42.50 -28.02
C VAL B 13 -7.01 -41.03 -28.30
N ASP B 14 -7.22 -40.17 -27.31
CA ASP B 14 -7.05 -38.72 -27.43
C ASP B 14 -5.60 -38.31 -27.06
N PRO B 15 -4.79 -37.79 -28.02
CA PRO B 15 -3.41 -37.33 -27.74
C PRO B 15 -3.26 -36.22 -26.69
N THR B 16 -4.29 -35.40 -26.53
CA THR B 16 -4.32 -34.29 -25.58
C THR B 16 -4.85 -34.68 -24.19
N HIS B 17 -5.14 -35.96 -23.97
CA HIS B 17 -5.56 -36.48 -22.66
C HIS B 17 -4.39 -37.26 -22.04
N PHE B 18 -3.85 -36.70 -20.95
CA PHE B 18 -2.71 -37.28 -20.25
C PHE B 18 -3.24 -37.89 -18.95
N GLU B 19 -2.98 -39.18 -18.77
CA GLU B 19 -3.47 -39.90 -17.59
C GLU B 19 -2.58 -39.62 -16.38
N LYS B 20 -3.20 -39.14 -15.31
CA LYS B 20 -2.50 -38.86 -14.05
C LYS B 20 -1.48 -39.95 -13.66
N ARG B 21 -1.89 -41.22 -13.76
CA ARG B 21 -1.05 -42.34 -13.29
C ARG B 21 0.32 -42.41 -13.97
N PHE B 22 0.39 -42.00 -15.24
CA PHE B 22 1.68 -41.95 -15.97
C PHE B 22 2.41 -40.61 -15.92
N LEU B 23 1.82 -39.58 -15.30
CA LEU B 23 2.39 -38.22 -15.31
C LEU B 23 3.23 -38.04 -14.03
N LYS B 24 4.55 -38.12 -14.19
CA LYS B 24 5.46 -38.19 -13.06
C LYS B 24 6.23 -36.89 -12.89
N ARG B 25 6.08 -36.30 -11.71
CA ARG B 25 6.81 -35.11 -11.29
C ARG B 25 8.31 -35.35 -11.17
N ILE B 26 9.09 -34.52 -11.90
CA ILE B 26 10.54 -34.48 -11.76
C ILE B 26 10.95 -33.32 -10.84
N ARG B 27 10.57 -32.09 -11.19
CA ARG B 27 10.92 -30.92 -10.37
C ARG B 27 10.05 -29.68 -10.67
N ASP B 28 10.13 -28.69 -9.79
CA ASP B 28 9.42 -27.41 -9.97
C ASP B 28 10.18 -26.46 -10.89
N LEU B 29 9.43 -25.76 -11.76
CA LEU B 29 10.01 -24.74 -12.67
C LEU B 29 9.72 -23.31 -12.17
N GLY B 30 8.60 -23.13 -11.49
CA GLY B 30 8.28 -21.89 -10.80
C GLY B 30 6.80 -21.80 -10.49
N GLU B 31 6.43 -20.76 -9.75
CA GLU B 31 5.02 -20.47 -9.48
C GLU B 31 4.69 -18.99 -9.75
N GLY B 32 3.41 -18.72 -9.97
CA GLY B 32 2.93 -17.39 -10.31
C GLY B 32 1.48 -17.17 -9.91
N HIS B 33 1.27 -16.32 -8.90
CA HIS B 33 -0.06 -15.96 -8.38
C HIS B 33 -0.75 -17.16 -7.68
N PHE B 34 -1.54 -17.93 -8.43
CA PHE B 34 -2.31 -19.06 -7.87
C PHE B 34 -1.97 -20.44 -8.49
N GLY B 35 -0.99 -20.48 -9.38
CA GLY B 35 -0.58 -21.71 -10.06
C GLY B 35 0.90 -22.00 -9.94
N LYS B 36 1.30 -23.21 -10.33
CA LYS B 36 2.70 -23.63 -10.34
C LYS B 36 2.96 -24.50 -11.55
N VAL B 37 4.18 -24.44 -12.06
CA VAL B 37 4.56 -25.23 -13.21
C VAL B 37 5.64 -26.22 -12.79
N GLU B 38 5.43 -27.48 -13.17
CA GLU B 38 6.35 -28.57 -12.86
C GLU B 38 6.88 -29.18 -14.14
N LEU B 39 8.17 -29.51 -14.17
CA LEU B 39 8.72 -30.43 -15.16
C LEU B 39 8.26 -31.84 -14.81
N CYS B 40 7.58 -32.50 -15.76
CA CYS B 40 7.12 -33.87 -15.58
C CYS B 40 7.51 -34.72 -16.78
N ARG B 41 7.63 -36.04 -16.57
CA ARG B 41 7.71 -36.98 -17.69
C ARG B 41 6.37 -37.69 -17.85
N TYR B 42 5.88 -37.79 -19.08
CA TYR B 42 4.73 -38.62 -19.39
C TYR B 42 5.24 -39.95 -19.91
N ASP B 43 5.10 -41.00 -19.08
CA ASP B 43 5.84 -42.24 -19.25
C ASP B 43 4.90 -43.45 -19.17
N PRO B 44 3.99 -43.59 -20.17
CA PRO B 44 3.07 -44.75 -20.18
C PRO B 44 3.76 -46.11 -20.23
N GLU B 45 4.91 -46.19 -20.91
CA GLU B 45 5.67 -47.46 -20.98
C GLU B 45 6.42 -47.76 -19.67
N GLY B 46 6.66 -46.74 -18.84
CA GLY B 46 7.20 -46.94 -17.50
C GLY B 46 8.69 -47.29 -17.44
N ASP B 47 9.47 -46.77 -18.39
CA ASP B 47 10.91 -47.05 -18.51
C ASP B 47 11.77 -45.79 -18.66
N ASN B 48 11.25 -44.65 -18.19
CA ASN B 48 11.91 -43.35 -18.32
C ASN B 48 12.27 -42.90 -19.75
N THR B 49 11.58 -43.46 -20.76
CA THR B 49 11.81 -43.06 -22.17
C THR B 49 10.78 -42.03 -22.67
N GLY B 50 9.74 -41.79 -21.88
CA GLY B 50 8.65 -40.90 -22.26
C GLY B 50 9.04 -39.44 -22.36
N GLU B 51 8.17 -38.65 -22.96
N GLU B 51 8.17 -38.65 -22.98
CA GLU B 51 8.42 -37.25 -23.23
CA GLU B 51 8.44 -37.24 -23.23
C GLU B 51 8.31 -36.39 -21.96
C GLU B 51 8.32 -36.40 -21.96
N GLN B 52 9.21 -35.41 -21.83
CA GLN B 52 9.15 -34.42 -20.74
C GLN B 52 8.16 -33.31 -21.14
N VAL B 53 7.29 -32.95 -20.20
CA VAL B 53 6.30 -31.90 -20.42
C VAL B 53 6.31 -30.91 -19.25
N ALA B 54 5.76 -29.73 -19.50
CA ALA B 54 5.59 -28.70 -18.48
C ALA B 54 4.14 -28.83 -18.02
N VAL B 55 3.91 -28.80 -16.72
CA VAL B 55 2.59 -29.06 -16.16
C VAL B 55 2.24 -27.95 -15.20
N LYS B 56 1.21 -27.17 -15.54
CA LYS B 56 0.68 -26.13 -14.66
C LYS B 56 -0.51 -26.68 -13.88
N SER B 57 -0.49 -26.45 -12.57
CA SER B 57 -1.63 -26.82 -11.71
C SER B 57 -1.88 -25.73 -10.69
N LEU B 58 -3.05 -25.80 -10.03
CA LEU B 58 -3.39 -24.86 -8.98
C LEU B 58 -2.61 -25.20 -7.71
N LYS B 59 -2.05 -24.18 -7.06
CA LYS B 59 -1.51 -24.33 -5.71
C LYS B 59 -2.71 -24.44 -4.74
N PRO B 60 -2.60 -25.31 -3.70
CA PRO B 60 -3.67 -25.41 -2.71
C PRO B 60 -3.77 -24.17 -1.83
N HIS B 66 -10.30 -21.00 -7.75
CA HIS B 66 -9.41 -20.74 -8.90
C HIS B 66 -9.41 -21.79 -10.02
N ILE B 67 -10.15 -22.89 -9.86
CA ILE B 67 -10.35 -23.88 -10.93
C ILE B 67 -10.92 -23.23 -12.21
N ALA B 68 -11.93 -22.38 -12.05
CA ALA B 68 -12.57 -21.69 -13.18
C ALA B 68 -11.58 -20.85 -13.97
N ASP B 69 -10.66 -20.17 -13.28
CA ASP B 69 -9.63 -19.34 -13.92
C ASP B 69 -8.66 -20.18 -14.73
N LEU B 70 -8.17 -21.26 -14.14
CA LEU B 70 -7.29 -22.19 -14.85
C LEU B 70 -7.97 -22.78 -16.09
N LYS B 71 -9.25 -23.13 -15.95
CA LYS B 71 -10.01 -23.72 -17.05
C LYS B 71 -10.13 -22.75 -18.22
N LYS B 72 -10.46 -21.49 -17.94
CA LYS B 72 -10.50 -20.47 -18.98
C LYS B 72 -9.09 -20.20 -19.57
N GLU B 73 -8.06 -20.27 -18.72
CA GLU B 73 -6.67 -20.20 -19.16
C GLU B 73 -6.29 -21.34 -20.11
N ILE B 74 -6.74 -22.54 -19.82
CA ILE B 74 -6.55 -23.70 -20.70
C ILE B 74 -7.28 -23.51 -22.03
N GLU B 75 -8.50 -23.00 -21.97
CA GLU B 75 -9.29 -22.79 -23.17
C GLU B 75 -8.70 -21.67 -24.06
N ILE B 76 -8.07 -20.67 -23.46
CA ILE B 76 -7.37 -19.66 -24.24
C ILE B 76 -6.14 -20.26 -24.94
N LEU B 77 -5.28 -20.96 -24.18
CA LEU B 77 -4.01 -21.42 -24.70
C LEU B 77 -4.21 -22.45 -25.77
N ARG B 78 -5.22 -23.29 -25.59
CA ARG B 78 -5.56 -24.35 -26.54
C ARG B 78 -5.77 -23.85 -27.97
N ASN B 79 -6.33 -22.63 -28.10
CA ASN B 79 -6.68 -22.05 -29.38
C ASN B 79 -5.77 -20.89 -29.80
N LEU B 80 -4.59 -20.78 -29.16
CA LEU B 80 -3.53 -19.91 -29.66
C LEU B 80 -2.56 -20.80 -30.46
N TYR B 81 -2.26 -20.39 -31.69
CA TYR B 81 -1.29 -21.10 -32.55
C TYR B 81 -0.31 -20.06 -33.11
N HIS B 82 0.84 -19.93 -32.48
CA HIS B 82 1.87 -19.00 -32.94
C HIS B 82 3.25 -19.45 -32.49
N GLU B 83 4.24 -19.35 -33.39
CA GLU B 83 5.58 -19.85 -33.08
C GLU B 83 6.29 -19.16 -31.91
N ASN B 84 5.84 -17.96 -31.52
CA ASN B 84 6.30 -17.29 -30.27
C ASN B 84 5.30 -17.35 -29.09
N ILE B 85 4.41 -18.34 -29.12
CA ILE B 85 3.54 -18.68 -28.01
C ILE B 85 3.74 -20.17 -27.70
N VAL B 86 3.98 -20.49 -26.43
CA VAL B 86 4.28 -21.88 -25.98
C VAL B 86 3.12 -22.82 -26.34
N LYS B 87 3.46 -24.02 -26.81
CA LYS B 87 2.46 -24.96 -27.32
C LYS B 87 1.69 -25.61 -26.20
N TYR B 88 0.37 -25.52 -26.28
CA TYR B 88 -0.56 -26.44 -25.60
C TYR B 88 -0.32 -27.86 -26.10
N LYS B 89 -0.24 -28.82 -25.17
CA LYS B 89 -0.18 -30.24 -25.49
C LYS B 89 -1.43 -31.00 -25.06
N GLY B 90 -2.04 -30.62 -23.94
CA GLY B 90 -3.23 -31.29 -23.46
C GLY B 90 -3.64 -30.99 -22.04
N ILE B 91 -4.54 -31.82 -21.50
CA ILE B 91 -4.96 -31.70 -20.10
C ILE B 91 -4.86 -33.04 -19.35
N CYS B 92 -4.77 -32.94 -18.02
CA CYS B 92 -4.92 -34.07 -17.11
C CYS B 92 -6.05 -33.73 -16.15
N THR B 93 -7.15 -34.47 -16.22
CA THR B 93 -8.36 -34.19 -15.44
C THR B 93 -8.48 -35.17 -14.26
N GLU B 94 -9.17 -34.72 -13.21
CA GLU B 94 -9.30 -35.47 -11.94
C GLU B 94 -10.07 -36.80 -12.04
N ASP B 95 -9.87 -37.66 -11.03
CA ASP B 95 -10.55 -38.97 -10.95
C ASP B 95 -12.04 -38.81 -10.60
N GLY B 96 -12.33 -37.91 -9.65
CA GLY B 96 -13.70 -37.44 -9.42
C GLY B 96 -14.09 -36.50 -10.55
N GLY B 97 -13.38 -35.38 -10.66
CA GLY B 97 -13.29 -34.64 -11.92
C GLY B 97 -13.76 -33.19 -12.01
N ASN B 98 -13.47 -32.38 -10.99
CA ASN B 98 -13.54 -30.91 -11.14
C ASN B 98 -12.15 -30.33 -11.42
N GLY B 99 -11.13 -30.86 -10.73
CA GLY B 99 -9.75 -30.42 -10.88
C GLY B 99 -9.14 -30.76 -12.23
N ILE B 100 -8.14 -29.97 -12.63
CA ILE B 100 -7.52 -30.09 -13.95
C ILE B 100 -6.07 -29.58 -13.93
N LYS B 101 -5.24 -30.12 -14.82
CA LYS B 101 -3.85 -29.66 -15.04
C LYS B 101 -3.65 -29.35 -16.53
N LEU B 102 -2.93 -28.26 -16.82
CA LEU B 102 -2.58 -27.88 -18.19
C LEU B 102 -1.21 -28.46 -18.56
N ILE B 103 -1.14 -29.16 -19.69
CA ILE B 103 0.08 -29.84 -20.14
C ILE B 103 0.60 -29.06 -21.34
N MET B 104 1.84 -28.54 -21.25
CA MET B 104 2.46 -27.79 -22.33
C MET B 104 3.81 -28.38 -22.70
N GLU B 105 4.35 -27.96 -23.83
CA GLU B 105 5.73 -28.28 -24.15
C GLU B 105 6.74 -27.74 -23.12
N PHE B 106 7.81 -28.50 -22.92
CA PHE B 106 8.88 -28.16 -21.98
C PHE B 106 10.01 -27.51 -22.77
N LEU B 107 10.45 -26.33 -22.31
CA LEU B 107 11.58 -25.62 -22.93
C LEU B 107 12.76 -25.64 -21.95
N PRO B 108 13.75 -26.55 -22.16
CA PRO B 108 14.88 -26.74 -21.25
C PRO B 108 15.71 -25.51 -20.93
N SER B 109 15.80 -24.55 -21.86
CA SER B 109 16.59 -23.32 -21.61
C SER B 109 15.97 -22.36 -20.59
N GLY B 110 14.76 -22.64 -20.12
CA GLY B 110 14.18 -21.92 -19.01
C GLY B 110 13.58 -20.61 -19.49
N SER B 111 13.42 -19.67 -18.56
CA SER B 111 12.92 -18.35 -18.88
C SER B 111 14.08 -17.38 -19.15
N LEU B 112 13.75 -16.23 -19.73
CA LEU B 112 14.71 -15.14 -19.89
C LEU B 112 15.38 -14.80 -18.55
N LYS B 113 14.60 -14.82 -17.46
CA LYS B 113 15.16 -14.58 -16.11
C LYS B 113 16.36 -15.47 -15.79
N GLU B 114 16.31 -16.75 -16.16
CA GLU B 114 17.44 -17.69 -15.96
C GLU B 114 18.45 -17.70 -17.10
N TYR B 115 17.97 -17.54 -18.33
CA TYR B 115 18.83 -17.71 -19.51
C TYR B 115 19.78 -16.54 -19.69
N LEU B 116 19.28 -15.31 -19.51
CA LEU B 116 20.06 -14.12 -19.87
C LEU B 116 21.29 -13.89 -18.99
N PRO B 117 21.16 -14.00 -17.66
CA PRO B 117 22.36 -13.93 -16.81
C PRO B 117 23.46 -14.93 -17.20
N LYS B 118 23.05 -16.15 -17.56
CA LYS B 118 23.97 -17.23 -17.91
C LYS B 118 24.53 -17.21 -19.32
N ASN B 119 23.99 -16.36 -20.20
CA ASN B 119 24.35 -16.39 -21.62
C ASN B 119 24.74 -15.02 -22.24
N LYS B 120 25.08 -14.04 -21.40
CA LYS B 120 25.52 -12.69 -21.85
C LYS B 120 26.49 -12.70 -23.02
N ASN B 121 27.48 -13.59 -22.98
CA ASN B 121 28.50 -13.62 -24.05
C ASN B 121 27.95 -14.13 -25.39
N LYS B 122 26.92 -14.95 -25.32
CA LYS B 122 26.22 -15.49 -26.49
C LYS B 122 25.23 -14.49 -27.10
N ILE B 123 24.52 -13.75 -26.24
CA ILE B 123 23.36 -12.94 -26.62
C ILE B 123 23.76 -11.46 -26.71
N ASN B 124 24.12 -11.01 -27.91
CA ASN B 124 24.43 -9.59 -28.18
C ASN B 124 23.17 -8.76 -28.49
N LEU B 125 23.35 -7.45 -28.74
CA LEU B 125 22.25 -6.50 -29.03
C LEU B 125 21.35 -6.99 -30.15
N LYS B 126 21.97 -7.36 -31.26
CA LYS B 126 21.24 -7.88 -32.40
C LYS B 126 20.28 -9.04 -32.01
N GLN B 127 20.75 -9.96 -31.17
CA GLN B 127 19.89 -11.05 -30.68
C GLN B 127 18.82 -10.59 -29.68
N GLN B 128 19.15 -9.61 -28.85
CA GLN B 128 18.15 -9.03 -27.95
C GLN B 128 17.02 -8.34 -28.73
N LEU B 129 17.36 -7.63 -29.79
CA LEU B 129 16.33 -6.98 -30.62
C LEU B 129 15.49 -8.01 -31.36
N LYS B 130 16.08 -9.15 -31.74
CA LYS B 130 15.31 -10.23 -32.39
C LYS B 130 14.35 -10.94 -31.43
N TYR B 131 14.72 -11.05 -30.15
CA TYR B 131 13.76 -11.48 -29.12
C TYR B 131 12.66 -10.46 -28.95
N ALA B 132 13.02 -9.18 -28.96
CA ALA B 132 12.03 -8.11 -28.82
C ALA B 132 10.95 -8.17 -29.92
N VAL B 133 11.37 -8.39 -31.17
CA VAL B 133 10.47 -8.61 -32.31
C VAL B 133 9.55 -9.81 -32.08
N GLN B 134 10.15 -10.95 -31.79
CA GLN B 134 9.40 -12.20 -31.46
C GLN B 134 8.38 -12.04 -30.33
N ILE B 135 8.76 -11.37 -29.24
CA ILE B 135 7.81 -11.07 -28.16
C ILE B 135 6.67 -10.19 -28.71
N CYS B 136 7.02 -9.15 -29.47
CA CYS B 136 6.03 -8.26 -30.07
C CYS B 136 5.09 -9.02 -31.03
N LYS B 137 5.63 -9.94 -31.84
CA LYS B 137 4.79 -10.71 -32.76
C LYS B 137 3.83 -11.67 -32.02
N GLY B 138 4.29 -12.25 -30.92
CA GLY B 138 3.42 -13.08 -30.07
C GLY B 138 2.31 -12.27 -29.41
N MET B 139 2.70 -11.11 -28.85
CA MET B 139 1.74 -10.16 -28.27
C MET B 139 0.75 -9.55 -29.26
N ASP B 140 1.23 -9.14 -30.44
CA ASP B 140 0.34 -8.65 -31.50
C ASP B 140 -0.69 -9.70 -31.97
N TYR B 141 -0.26 -10.95 -32.06
CA TYR B 141 -1.17 -12.06 -32.37
C TYR B 141 -2.26 -12.19 -31.29
N LEU B 142 -1.84 -12.12 -30.02
CA LEU B 142 -2.77 -12.17 -28.87
C LEU B 142 -3.83 -11.07 -28.96
N GLY B 143 -3.38 -9.82 -29.13
CA GLY B 143 -4.29 -8.66 -29.35
C GLY B 143 -5.23 -8.78 -30.55
N SER B 144 -4.77 -9.42 -31.61
CA SER B 144 -5.64 -9.71 -32.77
C SER B 144 -6.76 -10.73 -32.47
N ARG B 145 -6.61 -11.50 -31.39
CA ARG B 145 -7.67 -12.38 -30.90
C ARG B 145 -8.43 -11.80 -29.69
N GLN B 146 -8.36 -10.47 -29.54
CA GLN B 146 -9.04 -9.71 -28.48
C GLN B 146 -8.72 -10.18 -27.05
N TYR B 147 -7.44 -10.43 -26.80
CA TYR B 147 -6.97 -10.73 -25.44
C TYR B 147 -5.98 -9.67 -24.99
N VAL B 148 -6.10 -9.24 -23.74
CA VAL B 148 -5.02 -8.55 -23.03
C VAL B 148 -4.34 -9.56 -22.07
N HIS B 149 -3.01 -9.50 -22.01
CA HIS B 149 -2.17 -10.43 -21.25
C HIS B 149 -2.07 -10.09 -19.77
N ARG B 150 -1.80 -8.82 -19.46
CA ARG B 150 -1.77 -8.29 -18.08
C ARG B 150 -0.57 -8.72 -17.19
N ASP B 151 0.39 -9.44 -17.73
CA ASP B 151 1.48 -9.97 -16.93
C ASP B 151 2.75 -10.11 -17.76
N LEU B 152 2.95 -9.23 -18.74
CA LEU B 152 4.09 -9.36 -19.61
C LEU B 152 5.32 -8.89 -18.83
N ALA B 153 6.23 -9.84 -18.62
CA ALA B 153 7.48 -9.65 -17.90
C ALA B 153 8.46 -10.72 -18.41
N ALA B 154 9.75 -10.51 -18.21
CA ALA B 154 10.78 -11.45 -18.69
C ALA B 154 10.66 -12.85 -18.08
N ARG B 155 10.23 -12.93 -16.82
CA ARG B 155 9.94 -14.22 -16.19
C ARG B 155 8.87 -15.06 -16.92
N ASN B 156 8.00 -14.44 -17.73
CA ASN B 156 6.97 -15.19 -18.49
C ASN B 156 7.33 -15.48 -19.93
N VAL B 157 8.57 -15.23 -20.28
CA VAL B 157 9.07 -15.45 -21.61
C VAL B 157 10.05 -16.59 -21.51
N LEU B 158 9.89 -17.57 -22.40
CA LEU B 158 10.63 -18.82 -22.33
C LEU B 158 11.60 -18.84 -23.50
N VAL B 159 12.72 -19.52 -23.34
CA VAL B 159 13.77 -19.61 -24.37
C VAL B 159 13.67 -20.96 -25.06
N GLU B 160 13.23 -20.95 -26.32
CA GLU B 160 13.17 -22.16 -27.16
C GLU B 160 14.57 -22.59 -27.64
N SER B 161 15.29 -21.62 -28.19
CA SER B 161 16.70 -21.77 -28.59
C SER B 161 17.32 -20.41 -28.43
N GLU B 162 18.62 -20.27 -28.74
CA GLU B 162 19.25 -18.94 -28.67
C GLU B 162 18.71 -17.96 -29.72
N HIS B 163 18.02 -18.48 -30.75
CA HIS B 163 17.40 -17.70 -31.81
C HIS B 163 15.87 -17.52 -31.68
N GLN B 164 15.27 -18.07 -30.62
CA GLN B 164 13.81 -18.09 -30.47
C GLN B 164 13.33 -18.04 -29.01
N VAL B 165 12.42 -17.12 -28.73
CA VAL B 165 11.71 -17.06 -27.46
C VAL B 165 10.19 -17.27 -27.67
N LYS B 166 9.48 -17.53 -26.58
CA LYS B 166 8.03 -17.73 -26.61
C LYS B 166 7.40 -17.17 -25.34
N ILE B 167 6.25 -16.51 -25.48
CA ILE B 167 5.43 -16.14 -24.31
C ILE B 167 4.91 -17.45 -23.71
N GLY B 168 5.10 -17.62 -22.41
CA GLY B 168 5.03 -18.95 -21.76
C GLY B 168 3.99 -19.14 -20.67
N ASP B 169 3.21 -18.10 -20.39
CA ASP B 169 2.18 -18.14 -19.36
C ASP B 169 1.10 -17.12 -19.65
N PHE B 170 -0.14 -17.51 -19.40
CA PHE B 170 -1.34 -16.71 -19.70
C PHE B 170 -2.28 -16.69 -18.50
N GLY B 171 -1.71 -16.71 -17.29
CA GLY B 171 -2.45 -16.73 -16.01
C GLY B 171 -3.39 -15.57 -15.72
N LEU B 172 -3.02 -14.36 -16.16
CA LEU B 172 -3.91 -13.18 -16.03
C LEU B 172 -4.59 -12.78 -17.36
N THR B 173 -4.44 -13.58 -18.40
CA THR B 173 -5.00 -13.25 -19.72
C THR B 173 -6.54 -13.23 -19.76
N LYS B 174 -7.08 -12.12 -20.30
CA LYS B 174 -8.52 -11.84 -20.28
C LYS B 174 -8.97 -11.35 -21.65
N ALA B 175 -10.21 -11.70 -22.02
CA ALA B 175 -10.82 -11.24 -23.27
C ALA B 175 -11.22 -9.76 -23.17
N ILE B 176 -10.91 -8.96 -24.19
CA ILE B 176 -11.57 -7.66 -24.36
C ILE B 176 -12.85 -7.93 -25.13
N GLU B 177 -13.96 -7.39 -24.64
CA GLU B 177 -15.25 -7.54 -25.33
C GLU B 177 -15.23 -6.83 -26.69
N THR B 178 -16.03 -7.33 -27.64
CA THR B 178 -16.23 -6.65 -28.93
C THR B 178 -16.94 -5.30 -28.67
N ASP B 179 -16.45 -4.26 -29.36
CA ASP B 179 -16.92 -2.85 -29.21
C ASP B 179 -16.50 -2.13 -27.91
N LYS B 180 -15.73 -2.81 -27.05
CA LYS B 180 -15.07 -2.18 -25.92
C LYS B 180 -13.56 -2.19 -26.18
N GLU B 181 -12.86 -1.26 -25.53
CA GLU B 181 -11.41 -1.11 -25.69
C GLU B 181 -10.59 -1.65 -24.52
N PTR B 182 -11.26 -2.06 -23.43
CA PTR B 182 -10.53 -2.56 -22.25
C PTR B 182 -11.25 -3.63 -21.43
O PTR B 182 -12.44 -3.89 -21.61
CB PTR B 182 -10.11 -1.37 -21.39
CG PTR B 182 -11.22 -0.50 -20.82
CD1 PTR B 182 -11.56 0.71 -21.42
CD2 PTR B 182 -11.87 -0.85 -19.63
CE1 PTR B 182 -12.57 1.53 -20.90
CE2 PTR B 182 -12.88 -0.04 -19.10
CZ PTR B 182 -13.22 1.14 -19.73
OH PTR B 182 -14.10 1.86 -19.23
P PTR B 182 -15.57 2.08 -19.87
O1P PTR B 182 -16.08 0.75 -20.46
O2P PTR B 182 -16.47 2.53 -18.81
O3P PTR B 182 -15.50 3.14 -20.98
N PTR B 183 -10.49 -4.25 -20.54
CA PTR B 183 -11.01 -5.14 -19.50
C PTR B 183 -10.89 -4.41 -18.17
O PTR B 183 -9.81 -3.94 -17.81
CB PTR B 183 -10.19 -6.43 -19.40
CG PTR B 183 -10.67 -7.36 -18.29
CD1 PTR B 183 -9.97 -7.45 -17.09
CD2 PTR B 183 -11.80 -8.13 -18.45
CE1 PTR B 183 -10.40 -8.29 -16.06
CE2 PTR B 183 -12.24 -8.98 -17.45
CZ PTR B 183 -11.54 -9.06 -16.24
OH PTR B 183 -11.87 -9.81 -15.28
P PTR B 183 -13.17 -10.78 -15.21
O1P PTR B 183 -13.26 -11.47 -13.84
O2P PTR B 183 -14.44 -9.91 -15.41
O3P PTR B 183 -13.10 -11.79 -16.28
N THR B 184 -12.00 -4.33 -17.44
CA THR B 184 -12.01 -3.72 -16.12
C THR B 184 -11.60 -4.78 -15.09
N VAL B 185 -10.54 -4.49 -14.35
CA VAL B 185 -9.99 -5.43 -13.36
C VAL B 185 -10.75 -5.36 -12.03
N LYS B 186 -11.03 -6.52 -11.43
CA LYS B 186 -11.71 -6.60 -10.13
C LYS B 186 -10.73 -7.14 -9.08
N ASP B 187 -10.17 -8.32 -9.32
CA ASP B 187 -9.12 -8.87 -8.47
C ASP B 187 -7.79 -8.25 -8.93
N ASP B 188 -7.12 -7.52 -8.03
CA ASP B 188 -5.91 -6.72 -8.36
C ASP B 188 -4.79 -6.66 -7.30
N ARG B 189 -4.91 -7.43 -6.22
CA ARG B 189 -3.97 -7.36 -5.08
C ARG B 189 -2.56 -7.85 -5.41
N ASP B 190 -2.47 -8.89 -6.23
CA ASP B 190 -1.17 -9.46 -6.64
C ASP B 190 -0.66 -8.87 -7.96
N SER B 191 -1.01 -7.62 -8.27
CA SER B 191 -0.54 -6.97 -9.51
C SER B 191 0.98 -6.83 -9.52
N PRO B 192 1.62 -7.07 -10.68
CA PRO B 192 3.02 -6.66 -10.85
C PRO B 192 3.06 -5.16 -11.22
N VAL B 193 2.91 -4.31 -10.20
CA VAL B 193 2.67 -2.86 -10.40
C VAL B 193 3.80 -2.11 -11.11
N PHE B 194 5.03 -2.58 -10.94
CA PHE B 194 6.18 -1.98 -11.64
C PHE B 194 6.26 -2.30 -13.13
N TRP B 195 5.40 -3.18 -13.62
CA TRP B 195 5.23 -3.45 -15.05
C TRP B 195 3.95 -2.81 -15.61
N TYR B 196 3.22 -2.07 -14.79
CA TYR B 196 1.85 -1.63 -15.12
C TYR B 196 1.75 -0.18 -15.59
N ALA B 197 0.83 0.04 -16.53
CA ALA B 197 0.55 1.35 -17.06
C ALA B 197 -0.23 2.16 -16.03
N PRO B 198 -0.24 3.50 -16.14
CA PRO B 198 -0.97 4.32 -15.16
C PRO B 198 -2.49 4.07 -15.12
N GLU B 199 -3.10 3.80 -16.27
CA GLU B 199 -4.53 3.46 -16.33
C GLU B 199 -4.88 2.15 -15.61
N CYS B 200 -3.90 1.25 -15.49
CA CYS B 200 -4.02 -0.01 -14.73
C CYS B 200 -3.85 0.21 -13.25
N LEU B 201 -2.90 1.06 -12.86
CA LEU B 201 -2.71 1.42 -11.45
C LEU B 201 -3.82 2.32 -10.88
N MET B 202 -4.34 3.23 -11.70
CA MET B 202 -5.27 4.28 -11.22
C MET B 202 -6.74 3.91 -11.37
N GLN B 203 -7.12 3.49 -12.58
CA GLN B 203 -8.52 3.18 -12.92
C GLN B 203 -8.86 1.69 -12.84
N SER B 204 -7.84 0.82 -12.84
CA SER B 204 -7.99 -0.63 -12.91
C SER B 204 -8.54 -1.09 -14.29
N LYS B 205 -8.20 -0.33 -15.33
CA LYS B 205 -8.56 -0.64 -16.72
C LYS B 205 -7.33 -1.16 -17.42
N PHE B 206 -7.52 -2.07 -18.38
CA PHE B 206 -6.43 -2.67 -19.12
C PHE B 206 -6.70 -2.76 -20.62
N TYR B 207 -5.90 -2.01 -21.38
CA TYR B 207 -6.00 -1.90 -22.85
C TYR B 207 -4.91 -2.72 -23.51
N ILE B 208 -5.05 -2.97 -24.81
CA ILE B 208 -3.92 -3.50 -25.60
C ILE B 208 -2.67 -2.62 -25.42
N ALA B 209 -2.86 -1.30 -25.38
CA ALA B 209 -1.77 -0.35 -25.16
C ALA B 209 -1.12 -0.47 -23.77
N SER B 210 -1.85 -1.00 -22.80
CA SER B 210 -1.27 -1.33 -21.48
C SER B 210 -0.27 -2.50 -21.57
N ASP B 211 -0.52 -3.47 -22.45
CA ASP B 211 0.46 -4.53 -22.75
C ASP B 211 1.69 -3.98 -23.45
N VAL B 212 1.51 -2.92 -24.23
CA VAL B 212 2.62 -2.20 -24.84
C VAL B 212 3.52 -1.61 -23.75
N TRP B 213 2.90 -0.99 -22.73
CA TRP B 213 3.64 -0.45 -21.57
C TRP B 213 4.48 -1.52 -20.89
N SER B 214 3.84 -2.64 -20.56
CA SER B 214 4.53 -3.78 -19.95
C SER B 214 5.63 -4.33 -20.86
N PHE B 215 5.40 -4.32 -22.18
CA PHE B 215 6.46 -4.76 -23.10
C PHE B 215 7.71 -3.88 -23.01
N GLY B 216 7.50 -2.56 -22.87
CA GLY B 216 8.60 -1.61 -22.65
C GLY B 216 9.45 -1.95 -21.43
N VAL B 217 8.77 -2.35 -20.37
CA VAL B 217 9.46 -2.74 -19.12
C VAL B 217 10.16 -4.09 -19.32
N THR B 218 9.53 -5.01 -20.05
CA THR B 218 10.17 -6.29 -20.43
C THR B 218 11.41 -6.08 -21.33
N LEU B 219 11.33 -5.16 -22.29
CA LEU B 219 12.49 -4.79 -23.13
C LEU B 219 13.64 -4.30 -22.28
N HIS B 220 13.33 -3.49 -21.28
CA HIS B 220 14.32 -3.01 -20.34
C HIS B 220 15.00 -4.16 -19.61
N GLU B 221 14.21 -5.14 -19.17
CA GLU B 221 14.75 -6.37 -18.52
C GLU B 221 15.68 -7.14 -19.45
N LEU B 222 15.24 -7.28 -20.70
CA LEU B 222 16.01 -7.96 -21.74
C LEU B 222 17.37 -7.29 -21.95
N LEU B 223 17.34 -5.96 -22.07
CA LEU B 223 18.52 -5.15 -22.33
C LEU B 223 19.49 -5.08 -21.13
N THR B 224 19.00 -5.31 -19.90
CA THR B 224 19.86 -5.47 -18.71
C THR B 224 20.15 -6.95 -18.33
N TYR B 225 19.82 -7.88 -19.24
CA TYR B 225 20.04 -9.32 -19.06
C TYR B 225 19.41 -9.88 -17.77
N CYS B 226 18.24 -9.34 -17.40
CA CYS B 226 17.52 -9.74 -16.19
C CYS B 226 18.38 -9.71 -14.92
N ASP B 227 19.21 -8.67 -14.81
CA ASP B 227 20.01 -8.45 -13.60
C ASP B 227 19.05 -8.03 -12.48
N SER B 228 19.09 -8.72 -11.35
CA SER B 228 18.21 -8.39 -10.22
C SER B 228 18.42 -6.96 -9.71
N ASP B 229 19.68 -6.54 -9.60
CA ASP B 229 20.01 -5.17 -9.15
C ASP B 229 19.64 -4.07 -10.18
N SER B 230 19.30 -4.47 -11.40
CA SER B 230 18.78 -3.57 -12.43
C SER B 230 17.29 -3.82 -12.68
N SER B 231 16.61 -4.55 -11.81
CA SER B 231 15.22 -4.96 -12.08
C SER B 231 14.30 -3.75 -12.04
N PRO B 232 13.21 -3.77 -12.83
CA PRO B 232 12.27 -2.64 -12.78
C PRO B 232 11.75 -2.32 -11.38
N MET B 233 11.60 -3.33 -10.54
CA MET B 233 11.22 -3.12 -9.13
C MET B 233 12.33 -2.38 -8.38
N ALA B 234 13.56 -2.89 -8.46
CA ALA B 234 14.69 -2.25 -7.74
C ALA B 234 14.91 -0.81 -8.21
N LEU B 235 14.87 -0.59 -9.51
CA LEU B 235 15.08 0.76 -10.06
C LEU B 235 13.96 1.72 -9.70
N PHE B 236 12.70 1.26 -9.76
CA PHE B 236 11.57 2.08 -9.30
C PHE B 236 11.59 2.31 -7.78
N LEU B 237 11.95 1.29 -6.99
CA LEU B 237 12.11 1.46 -5.52
C LEU B 237 13.30 2.36 -5.09
N LYS B 238 14.25 2.60 -6.00
CA LYS B 238 15.25 3.66 -5.81
C LYS B 238 14.65 5.04 -6.10
N MET B 239 13.93 5.16 -7.22
CA MET B 239 13.32 6.43 -7.66
C MET B 239 12.33 7.01 -6.64
N ILE B 240 11.36 6.20 -6.20
CA ILE B 240 10.26 6.66 -5.35
C ILE B 240 10.57 6.58 -3.85
N GLY B 241 11.27 5.52 -3.45
CA GLY B 241 11.57 5.22 -2.05
C GLY B 241 11.27 3.75 -1.76
N PRO B 242 12.13 3.06 -0.99
CA PRO B 242 11.96 1.62 -0.74
C PRO B 242 10.97 1.21 0.37
N THR B 243 10.83 2.00 1.44
CA THR B 243 10.06 1.60 2.63
C THR B 243 8.80 2.48 2.88
N HIS B 244 7.92 2.53 1.88
CA HIS B 244 6.64 3.28 1.97
C HIS B 244 5.41 2.41 2.27
N GLY B 245 5.55 1.09 2.23
CA GLY B 245 4.44 0.17 2.53
C GLY B 245 3.32 0.24 1.50
N GLN B 246 2.10 0.47 1.98
CA GLN B 246 0.90 0.59 1.13
C GLN B 246 0.75 1.93 0.37
N MET B 247 1.68 2.87 0.56
CA MET B 247 1.70 4.12 -0.22
C MET B 247 2.58 4.00 -1.46
N THR B 248 3.19 2.81 -1.66
CA THR B 248 4.10 2.55 -2.76
C THR B 248 3.50 2.88 -4.14
N VAL B 249 2.28 2.39 -4.40
CA VAL B 249 1.64 2.58 -5.71
C VAL B 249 1.23 4.04 -5.98
N THR B 250 0.80 4.76 -4.94
CA THR B 250 0.49 6.19 -5.08
C THR B 250 1.76 7.00 -5.39
N ARG B 251 2.85 6.69 -4.69
CA ARG B 251 4.17 7.29 -4.99
C ARG B 251 4.67 6.91 -6.38
N LEU B 252 4.34 5.71 -6.84
CA LEU B 252 4.68 5.25 -8.20
C LEU B 252 3.86 6.01 -9.26
N VAL B 253 2.55 6.15 -9.03
CA VAL B 253 1.66 6.92 -9.92
C VAL B 253 2.07 8.40 -10.02
N ASN B 254 2.53 8.99 -8.92
CA ASN B 254 3.06 10.37 -8.94
C ASN B 254 4.34 10.49 -9.77
N THR B 255 5.24 9.53 -9.61
CA THR B 255 6.48 9.45 -10.39
C THR B 255 6.22 9.42 -11.90
N LEU B 256 5.25 8.59 -12.33
CA LEU B 256 4.85 8.51 -13.73
C LEU B 256 4.04 9.73 -14.20
N LYS B 257 3.23 10.31 -13.30
CA LYS B 257 2.51 11.55 -13.60
C LYS B 257 3.49 12.70 -13.94
N GLU B 258 4.56 12.81 -13.17
CA GLU B 258 5.56 13.86 -13.37
C GLU B 258 6.65 13.53 -14.40
N GLY B 259 6.44 12.48 -15.21
CA GLY B 259 7.26 12.22 -16.39
C GLY B 259 8.42 11.25 -16.22
N LYS B 260 8.74 10.87 -14.98
CA LYS B 260 9.90 10.02 -14.70
C LYS B 260 9.69 8.57 -15.16
N ARG B 261 10.73 8.01 -15.77
CA ARG B 261 10.73 6.65 -16.30
C ARG B 261 12.01 5.95 -15.91
N LEU B 262 12.06 4.64 -16.18
CA LEU B 262 13.27 3.85 -15.98
C LEU B 262 14.37 4.40 -16.90
N PRO B 263 15.63 4.41 -16.43
CA PRO B 263 16.68 5.00 -17.25
C PRO B 263 17.05 4.13 -18.45
N CYS B 264 17.89 4.70 -19.33
CA CYS B 264 18.42 3.94 -20.47
C CYS B 264 19.38 2.89 -19.93
N PRO B 265 19.18 1.61 -20.32
CA PRO B 265 20.09 0.56 -19.85
C PRO B 265 21.51 0.80 -20.35
N PRO B 266 22.52 0.27 -19.63
CA PRO B 266 23.88 0.38 -20.09
C PRO B 266 24.04 -0.23 -21.46
N ASN B 267 24.83 0.43 -22.31
CA ASN B 267 25.14 -0.02 -23.67
C ASN B 267 23.94 -0.08 -24.64
N CYS B 268 22.82 0.52 -24.27
CA CYS B 268 21.62 0.50 -25.12
C CYS B 268 21.68 1.78 -25.94
N PRO B 269 21.71 1.68 -27.29
CA PRO B 269 21.74 2.90 -28.09
C PRO B 269 20.47 3.73 -27.93
N ASP B 270 20.57 5.02 -28.22
CA ASP B 270 19.46 5.96 -28.07
C ASP B 270 18.25 5.52 -28.89
N GLU B 271 18.47 5.12 -30.14
CA GLU B 271 17.40 4.66 -31.04
C GLU B 271 16.57 3.52 -30.46
N VAL B 272 17.21 2.58 -29.76
CA VAL B 272 16.51 1.51 -29.08
C VAL B 272 15.76 2.04 -27.86
N TYR B 273 16.39 2.96 -27.11
CA TYR B 273 15.76 3.61 -25.94
C TYR B 273 14.54 4.49 -26.29
N GLN B 274 14.58 5.19 -27.43
CA GLN B 274 13.41 5.95 -27.91
C GLN B 274 12.22 5.04 -28.30
N LEU B 275 12.48 3.87 -28.88
CA LEU B 275 11.41 2.89 -29.09
C LEU B 275 10.78 2.48 -27.75
N MET B 276 11.63 2.25 -26.75
CA MET B 276 11.24 1.93 -25.38
C MET B 276 10.39 3.03 -24.73
N ARG B 277 10.82 4.29 -24.85
CA ARG B 277 10.08 5.43 -24.29
C ARG B 277 8.69 5.61 -24.92
N LYS B 278 8.56 5.24 -26.20
CA LYS B 278 7.27 5.32 -26.89
C LYS B 278 6.24 4.30 -26.38
N CYS B 279 6.71 3.25 -25.69
CA CYS B 279 5.86 2.33 -24.91
C CYS B 279 5.31 2.93 -23.62
N TRP B 280 5.98 3.96 -23.12
CA TRP B 280 5.67 4.58 -21.84
C TRP B 280 5.10 6.01 -21.92
N GLU B 281 4.38 6.32 -23.00
CA GLU B 281 3.56 7.54 -23.05
C GLU B 281 2.44 7.38 -22.01
N PHE B 282 2.14 8.45 -21.26
CA PHE B 282 1.18 8.37 -20.16
C PHE B 282 -0.25 7.99 -20.60
N GLN B 283 -0.73 8.60 -21.68
CA GLN B 283 -2.08 8.30 -22.20
C GLN B 283 -1.99 7.12 -23.18
N PRO B 284 -2.87 6.10 -23.04
CA PRO B 284 -2.86 4.90 -23.91
C PRO B 284 -2.88 5.16 -25.41
N SER B 285 -3.71 6.10 -25.87
CA SER B 285 -3.86 6.39 -27.31
C SER B 285 -2.61 7.03 -27.96
N ASN B 286 -1.75 7.63 -27.16
CA ASN B 286 -0.44 8.14 -27.62
C ASN B 286 0.65 7.07 -27.75
N ARG B 287 0.45 5.89 -27.16
CA ARG B 287 1.50 4.84 -27.16
C ARG B 287 1.70 4.21 -28.52
N THR B 288 2.90 3.67 -28.71
CA THR B 288 3.25 2.93 -29.90
C THR B 288 2.44 1.64 -29.97
N SER B 289 2.33 1.10 -31.18
CA SER B 289 1.67 -0.19 -31.42
C SER B 289 2.73 -1.27 -31.41
N PHE B 290 2.33 -2.54 -31.26
CA PHE B 290 3.26 -3.65 -31.39
C PHE B 290 3.79 -3.73 -32.83
N GLN B 291 2.93 -3.39 -33.79
CA GLN B 291 3.35 -3.32 -35.20
C GLN B 291 4.44 -2.25 -35.44
N ASN B 292 4.33 -1.09 -34.79
CA ASN B 292 5.34 -0.02 -34.95
C ASN B 292 6.69 -0.43 -34.36
N LEU B 293 6.65 -1.05 -33.18
CA LEU B 293 7.83 -1.62 -32.55
C LEU B 293 8.56 -2.59 -33.50
N ILE B 294 7.81 -3.52 -34.09
CA ILE B 294 8.37 -4.54 -34.97
C ILE B 294 9.14 -3.91 -36.12
N GLU B 295 8.50 -2.95 -36.81
CA GLU B 295 9.14 -2.20 -37.90
C GLU B 295 10.34 -1.38 -37.42
N GLY B 296 10.17 -0.69 -36.29
CA GLY B 296 11.26 0.05 -35.63
C GLY B 296 12.47 -0.82 -35.33
N PHE B 297 12.22 -1.98 -34.69
CA PHE B 297 13.30 -2.94 -34.42
C PHE B 297 13.89 -3.51 -35.70
N GLU B 298 13.03 -3.89 -36.64
CA GLU B 298 13.51 -4.48 -37.91
C GLU B 298 14.38 -3.53 -38.77
N ALA B 299 14.14 -2.22 -38.66
CA ALA B 299 15.00 -1.22 -39.30
C ALA B 299 16.39 -1.14 -38.66
N LEU B 300 16.47 -1.32 -37.35
CA LEU B 300 17.76 -1.37 -36.63
C LEU B 300 18.60 -2.63 -36.98
N LEU B 301 17.93 -3.74 -37.30
CA LEU B 301 18.61 -5.01 -37.61
C LEU B 301 19.14 -5.11 -39.07
N LYS B 302 18.81 -4.12 -39.90
CA LYS B 302 19.19 -4.01 -41.32
C LYS B 302 18.22 -4.83 -42.18
C2 GYQ C . -3.51 8.66 29.57
C4 GYQ C . -1.81 9.88 28.49
C5 GYQ C . -1.87 9.07 27.41
C6 GYQ C . -2.78 8.00 27.38
C7 GYQ C . -3.62 7.79 28.46
N10 GYQ C . -6.05 5.10 28.09
C11 GYQ C . -6.63 4.18 27.33
C12 GYQ C . -6.16 4.00 26.05
N13 GYQ C . -6.50 3.14 25.02
C17 GYQ C . -5.06 4.78 25.59
C19 GYQ C . -3.74 4.79 23.40
C21 GYQ C . -2.39 4.53 24.08
C23 GYQ C . -1.27 6.06 22.45
O1 GYQ C . -4.23 8.51 30.54
N3 GYQ C . -2.62 9.68 29.55
N8 GYQ C . -4.56 6.76 28.58
C9 GYQ C . -5.03 5.86 27.65
C14 GYQ C . -5.67 3.36 23.99
O15 GYQ C . -5.72 2.75 22.94
N16 GYQ C . -4.80 4.35 24.30
N18 GYQ C . -4.53 5.69 26.42
C22 GYQ C . -1.31 4.62 23.00
C25 GYQ C . -0.30 6.12 21.24
C26 GYQ C . 1.05 5.74 21.67
N27 GYQ C . 2.14 5.47 21.95
C28 GYQ C . -2.67 6.43 21.87
C29 GYQ C . -3.77 6.25 22.95
C2 GYQ D . 7.84 -24.52 -19.98
C4 GYQ D . 5.54 -24.04 -20.13
C5 GYQ D . 5.58 -23.27 -19.01
C6 GYQ D . 6.80 -23.12 -18.33
C7 GYQ D . 7.94 -23.73 -18.81
N10 GYQ D . 11.07 -22.84 -17.16
C11 GYQ D . 11.71 -22.07 -16.29
C12 GYQ D . 11.00 -21.18 -15.51
N13 GYQ D . 11.34 -20.27 -14.52
C17 GYQ D . 9.59 -21.14 -15.66
C19 GYQ D . 7.75 -19.79 -14.54
C21 GYQ D . 6.89 -20.98 -14.14
C23 GYQ D . 4.79 -19.68 -14.61
O1 GYQ D . 8.84 -25.10 -20.43
N3 GYQ D . 6.66 -24.66 -20.60
N8 GYQ D . 9.22 -23.66 -18.24
C9 GYQ D . 9.74 -22.77 -17.29
C14 GYQ D . 10.20 -19.69 -14.09
O15 GYQ D . 10.15 -18.84 -13.21
N16 GYQ D . 9.14 -20.19 -14.77
N18 GYQ D . 9.01 -21.94 -16.54
C22 GYQ D . 5.60 -20.44 -13.54
C25 GYQ D . 3.67 -18.86 -13.93
C26 GYQ D . 2.77 -19.82 -13.27
N27 GYQ D . 2.07 -20.57 -12.76
C28 GYQ D . 5.69 -18.58 -15.26
C29 GYQ D . 7.07 -19.11 -15.73
#